data_4WPA
#
_entry.id   4WPA
#
_cell.length_a   52.720
_cell.length_b   55.720
_cell.length_c   55.330
_cell.angle_alpha   90.00
_cell.angle_beta   110.22
_cell.angle_gamma   90.00
#
_symmetry.space_group_name_H-M   'P 1 21 1'
#
loop_
_entity.id
_entity.type
_entity.pdbx_description
1 polymer Ma1120
2 non-polymer 'CALCIUM ION'
3 non-polymer PYROPHOSPHATE
4 water water
#
_entity_poly.entity_id   1
_entity_poly.type   'polypeptide(L)'
_entity_poly.pdbx_seq_one_letter_code
;FQGAMGSRVVILFTDIEESTALNERIGDRAWVKLISSHDKLVSDLVRRQSGHVVKSQGDGFMVAFARPEQAVRCGIELQR
ALRRNANRKRHEEIRVRIGIHMGRSVRRGDDLFGRNVAMAARVAAQAAGGEILVSQPVRDALSRSDGIRFDDGREVELKG
FSGTYRLFAVL
;
_entity_poly.pdbx_strand_id   A,B
#
# COMPACT_ATOMS: atom_id res chain seq x y z
N MET A 5 -16.91 -16.04 -1.03
CA MET A 5 -15.57 -15.49 -0.90
C MET A 5 -15.50 -14.59 0.34
N GLY A 6 -16.16 -15.02 1.41
CA GLY A 6 -16.19 -14.30 2.67
C GLY A 6 -17.48 -13.55 2.93
N SER A 7 -17.50 -12.81 4.03
CA SER A 7 -18.64 -12.01 4.44
C SER A 7 -18.79 -10.74 3.63
N ARG A 8 -20.03 -10.31 3.42
CA ARG A 8 -20.29 -9.01 2.81
C ARG A 8 -19.71 -7.87 3.64
N VAL A 9 -18.95 -6.99 2.99
CA VAL A 9 -18.38 -5.84 3.66
C VAL A 9 -18.24 -4.67 2.69
N VAL A 10 -18.36 -3.46 3.22
CA VAL A 10 -18.09 -2.24 2.48
C VAL A 10 -16.66 -1.77 2.82
N ILE A 11 -15.86 -1.58 1.79
CA ILE A 11 -14.45 -1.25 1.93
C ILE A 11 -14.19 0.13 1.36
N LEU A 12 -13.65 0.97 2.23
CA LEU A 12 -13.28 2.32 1.87
C LEU A 12 -11.74 2.44 1.91
N PHE A 13 -11.18 2.98 0.84
CA PHE A 13 -9.76 3.35 0.86
C PHE A 13 -9.64 4.84 0.78
N THR A 14 -8.70 5.42 1.53
CA THR A 14 -8.36 6.81 1.28
C THR A 14 -6.85 6.99 1.21
N ASP A 15 -6.38 7.94 0.42
CA ASP A 15 -4.99 8.33 0.60
C ASP A 15 -4.73 9.70 0.03
N ILE A 16 -3.64 10.28 0.48
CA ILE A 16 -3.29 11.64 0.15
C ILE A 16 -2.70 11.76 -1.25
N GLU A 17 -3.15 12.76 -1.98
CA GLU A 17 -2.65 12.99 -3.33
C GLU A 17 -1.24 13.57 -3.24
N GLU A 18 -0.28 12.91 -3.90
CA GLU A 18 1.08 13.40 -4.04
C GLU A 18 1.67 13.71 -2.68
N SER A 19 1.52 12.79 -1.73
CA SER A 19 2.07 12.97 -0.39
C SER A 19 3.59 13.03 -0.41
N THR A 20 4.22 12.33 -1.34
CA THR A 20 5.66 12.33 -1.41
C THR A 20 6.22 13.70 -1.76
N ALA A 21 5.67 14.34 -2.79
CA ALA A 21 6.09 15.69 -3.11
C ALA A 21 5.89 16.61 -1.90
N LEU A 22 4.75 16.44 -1.23
CA LEU A 22 4.43 17.20 -0.01
C LEU A 22 5.50 17.02 1.07
N ASN A 23 5.80 15.77 1.41
CA ASN A 23 6.85 15.43 2.37
C ASN A 23 8.18 16.14 2.03
N GLU A 24 8.57 16.06 0.76
CA GLU A 24 9.82 16.67 0.32
C GLU A 24 9.81 18.18 0.47
N ARG A 25 8.62 18.78 0.35
N ARG A 25 8.64 18.79 0.28
CA ARG A 25 8.47 20.22 0.39
CA ARG A 25 8.51 20.24 0.43
C ARG A 25 8.56 20.79 1.81
C ARG A 25 8.71 20.67 1.87
N ILE A 26 7.85 20.17 2.74
CA ILE A 26 7.78 20.66 4.11
C ILE A 26 8.81 20.02 5.04
N GLY A 27 9.42 18.92 4.60
CA GLY A 27 10.39 18.20 5.42
C GLY A 27 9.76 17.16 6.32
N ASP A 28 10.58 16.20 6.75
CA ASP A 28 10.11 15.11 7.61
C ASP A 28 9.45 15.59 8.91
N ARG A 29 10.07 16.51 9.65
CA ARG A 29 9.49 16.95 10.93
C ARG A 29 8.02 17.37 10.73
N ALA A 30 7.81 18.28 9.79
CA ALA A 30 6.48 18.83 9.53
C ALA A 30 5.54 17.74 9.02
N TRP A 31 6.07 16.84 8.21
CA TRP A 31 5.26 15.79 7.61
C TRP A 31 4.76 14.81 8.64
N VAL A 32 5.64 14.38 9.54
CA VAL A 32 5.23 13.45 10.59
C VAL A 32 4.17 14.06 11.47
N LYS A 33 4.27 15.36 11.75
CA LYS A 33 3.24 16.05 12.51
C LYS A 33 1.93 16.07 11.71
N LEU A 34 2.02 16.38 10.43
CA LEU A 34 0.85 16.44 9.57
C LEU A 34 0.11 15.09 9.50
N ILE A 35 0.84 14.02 9.22
CA ILE A 35 0.20 12.72 9.03
C ILE A 35 -0.30 12.15 10.37
N SER A 36 0.31 12.56 11.47
N SER A 36 0.34 12.55 11.46
CA SER A 36 -0.17 12.11 12.77
CA SER A 36 -0.15 12.17 12.77
C SER A 36 -1.53 12.74 13.09
C SER A 36 -1.54 12.71 12.98
N SER A 37 -1.71 14.01 12.75
CA SER A 37 -3.01 14.67 12.98
C SER A 37 -4.02 14.18 11.97
N HIS A 38 -3.57 13.90 10.76
CA HIS A 38 -4.45 13.35 9.74
C HIS A 38 -4.96 11.98 10.17
N ASP A 39 -4.07 11.14 10.70
CA ASP A 39 -4.47 9.84 11.21
C ASP A 39 -5.51 9.98 12.32
N LYS A 40 -5.32 10.95 13.22
CA LYS A 40 -6.28 11.19 14.30
C LYS A 40 -7.65 11.56 13.72
N LEU A 41 -7.65 12.44 12.71
CA LEU A 41 -8.89 12.92 12.08
C LEU A 41 -9.67 11.79 11.43
N VAL A 42 -8.98 10.99 10.65
CA VAL A 42 -9.58 9.87 9.95
C VAL A 42 -10.15 8.85 10.93
N SER A 43 -9.36 8.51 11.94
CA SER A 43 -9.79 7.54 12.94
CA SER A 43 -9.77 7.56 12.96
C SER A 43 -11.04 8.02 13.65
N ASP A 44 -11.07 9.30 14.00
N ASP A 44 -11.06 9.29 14.02
CA ASP A 44 -12.23 9.86 14.69
CA ASP A 44 -12.22 9.90 14.66
C ASP A 44 -13.48 9.82 13.80
C ASP A 44 -13.45 9.74 13.77
N LEU A 45 -13.33 10.18 12.53
CA LEU A 45 -14.48 10.20 11.62
C LEU A 45 -14.97 8.81 11.24
N VAL A 46 -14.05 7.86 11.14
CA VAL A 46 -14.44 6.49 10.84
C VAL A 46 -15.31 5.95 11.99
N ARG A 47 -14.86 6.18 13.22
CA ARG A 47 -15.60 5.71 14.38
C ARG A 47 -16.98 6.35 14.48
N ARG A 48 -17.08 7.59 14.01
CA ARG A 48 -18.35 8.31 14.09
C ARG A 48 -19.41 7.61 13.23
N GLN A 49 -18.99 6.94 12.16
CA GLN A 49 -19.91 6.20 11.28
C GLN A 49 -19.83 4.69 11.47
N SER A 50 -19.38 4.27 12.64
CA SER A 50 -19.33 2.85 13.00
C SER A 50 -18.46 2.03 12.05
N GLY A 51 -17.43 2.67 11.50
CA GLY A 51 -16.42 1.96 10.74
C GLY A 51 -15.31 1.42 11.60
N HIS A 52 -14.44 0.66 10.97
CA HIS A 52 -13.27 0.11 11.63
C HIS A 52 -12.07 0.20 10.71
N VAL A 53 -11.01 0.88 11.16
CA VAL A 53 -9.80 0.93 10.36
C VAL A 53 -9.08 -0.42 10.45
N VAL A 54 -8.95 -1.09 9.30
CA VAL A 54 -8.36 -2.42 9.24
C VAL A 54 -6.85 -2.32 9.10
N LYS A 55 -6.41 -1.46 8.20
N LYS A 55 -6.39 -1.46 8.20
CA LYS A 55 -5.00 -1.26 7.92
CA LYS A 55 -4.97 -1.29 7.93
C LYS A 55 -4.71 0.22 7.68
C LYS A 55 -4.67 0.18 7.58
N SER A 56 -3.52 0.64 8.02
CA SER A 56 -3.08 1.97 7.71
C SER A 56 -1.60 1.87 7.54
N GLN A 57 -1.10 2.56 6.53
CA GLN A 57 0.32 2.55 6.21
C GLN A 57 0.62 3.85 5.51
N GLY A 58 1.61 4.59 6.01
CA GLY A 58 1.95 5.84 5.40
C GLY A 58 0.78 6.78 5.31
N ASP A 59 0.39 7.13 4.08
CA ASP A 59 -0.62 8.14 3.85
C ASP A 59 -1.97 7.55 3.51
N GLY A 60 -2.12 6.25 3.77
CA GLY A 60 -3.29 5.52 3.34
C GLY A 60 -4.01 4.79 4.46
N PHE A 61 -5.30 4.57 4.27
CA PHE A 61 -6.12 3.79 5.20
C PHE A 61 -7.05 2.86 4.42
N MET A 62 -7.26 1.67 4.97
CA MET A 62 -8.28 0.73 4.50
C MET A 62 -9.27 0.54 5.62
N VAL A 63 -10.53 0.81 5.31
CA VAL A 63 -11.56 0.90 6.33
C VAL A 63 -12.73 0.02 6.01
N ALA A 64 -13.25 -0.70 7.01
CA ALA A 64 -14.43 -1.55 6.83
C ALA A 64 -15.70 -0.96 7.44
N PHE A 65 -16.80 -1.06 6.68
CA PHE A 65 -18.12 -0.66 7.17
C PHE A 65 -19.12 -1.77 6.88
N ALA A 66 -20.14 -1.85 7.71
CA ALA A 66 -21.24 -2.78 7.51
C ALA A 66 -22.12 -2.37 6.34
N ARG A 67 -22.36 -1.07 6.20
CA ARG A 67 -23.39 -0.56 5.29
C ARG A 67 -22.81 0.55 4.42
N PRO A 68 -23.23 0.61 3.15
CA PRO A 68 -22.63 1.57 2.24
C PRO A 68 -22.91 3.02 2.63
N GLU A 69 -24.06 3.30 3.25
CA GLU A 69 -24.36 4.67 3.64
C GLU A 69 -23.38 5.16 4.71
N GLN A 70 -22.91 4.25 5.55
CA GLN A 70 -21.92 4.62 6.57
C GLN A 70 -20.62 5.04 5.91
N ALA A 71 -20.14 4.24 4.97
CA ALA A 71 -18.92 4.56 4.26
C ALA A 71 -19.02 5.90 3.54
N VAL A 72 -20.14 6.13 2.87
CA VAL A 72 -20.28 7.35 2.06
C VAL A 72 -20.34 8.57 2.97
N ARG A 73 -21.14 8.50 4.03
CA ARG A 73 -21.19 9.57 5.03
C ARG A 73 -19.82 9.90 5.61
N CYS A 74 -19.02 8.87 5.88
CA CYS A 74 -17.68 9.04 6.41
C CYS A 74 -16.83 9.79 5.43
N GLY A 75 -16.95 9.39 4.16
CA GLY A 75 -16.21 10.03 3.08
C GLY A 75 -16.59 11.49 2.95
N ILE A 76 -17.89 11.76 3.06
CA ILE A 76 -18.40 13.13 2.95
C ILE A 76 -17.87 13.99 4.11
N GLU A 77 -17.92 13.48 5.33
CA GLU A 77 -17.44 14.25 6.47
C GLU A 77 -15.93 14.47 6.43
N LEU A 78 -15.19 13.50 5.91
CA LEU A 78 -13.74 13.62 5.83
C LEU A 78 -13.37 14.70 4.83
N GLN A 79 -14.02 14.73 3.66
CA GLN A 79 -13.72 15.77 2.68
C GLN A 79 -14.09 17.15 3.25
N ARG A 80 -15.26 17.25 3.89
CA ARG A 80 -15.71 18.48 4.52
C ARG A 80 -14.69 18.96 5.57
N ALA A 81 -14.28 18.03 6.42
CA ALA A 81 -13.31 18.32 7.48
C ALA A 81 -12.01 18.83 6.89
N LEU A 82 -11.52 18.15 5.87
CA LEU A 82 -10.26 18.55 5.25
C LEU A 82 -10.38 19.93 4.65
N ARG A 83 -11.55 20.25 4.10
CA ARG A 83 -11.77 21.58 3.54
C ARG A 83 -11.71 22.66 4.63
N ARG A 84 -12.29 22.37 5.79
CA ARG A 84 -12.29 23.32 6.90
C ARG A 84 -10.88 23.72 7.28
N ASN A 85 -9.91 22.87 6.99
CA ASN A 85 -8.51 23.17 7.27
C ASN A 85 -7.91 24.12 6.24
N GLU A 93 -1.96 22.33 2.87
CA GLU A 93 -3.17 21.80 2.25
C GLU A 93 -2.96 20.37 1.74
N ILE A 94 -3.92 19.50 2.02
CA ILE A 94 -3.87 18.16 1.46
C ILE A 94 -5.22 17.80 0.85
N ARG A 95 -5.14 17.09 -0.26
CA ARG A 95 -6.30 16.53 -0.89
C ARG A 95 -6.17 15.03 -0.79
N VAL A 96 -7.29 14.35 -0.50
CA VAL A 96 -7.26 12.93 -0.42
C VAL A 96 -8.25 12.35 -1.41
N ARG A 97 -7.86 11.21 -1.95
CA ARG A 97 -8.71 10.38 -2.77
C ARG A 97 -9.51 9.51 -1.86
N ILE A 98 -10.80 9.32 -2.15
CA ILE A 98 -11.60 8.32 -1.47
C ILE A 98 -12.31 7.43 -2.48
N GLY A 99 -12.16 6.11 -2.29
CA GLY A 99 -12.85 5.10 -3.10
C GLY A 99 -13.60 4.11 -2.22
N ILE A 100 -14.79 3.68 -2.67
CA ILE A 100 -15.63 2.80 -1.87
C ILE A 100 -16.20 1.69 -2.77
N HIS A 101 -16.16 0.48 -2.26
CA HIS A 101 -16.65 -0.67 -2.98
C HIS A 101 -17.27 -1.60 -1.94
N MET A 102 -18.07 -2.54 -2.41
N MET A 102 -18.08 -2.53 -2.38
CA MET A 102 -18.69 -3.51 -1.52
CA MET A 102 -18.63 -3.53 -1.47
C MET A 102 -18.76 -4.87 -2.20
C MET A 102 -18.81 -4.86 -2.18
N GLY A 103 -18.77 -5.92 -1.38
CA GLY A 103 -18.77 -7.27 -1.89
C GLY A 103 -18.22 -8.18 -0.82
N ARG A 104 -18.13 -9.46 -1.14
CA ARG A 104 -17.63 -10.44 -0.18
C ARG A 104 -16.12 -10.35 -0.12
N SER A 105 -15.60 -10.38 1.10
CA SER A 105 -14.17 -10.42 1.34
CA SER A 105 -14.16 -10.40 1.34
C SER A 105 -13.91 -11.30 2.55
N VAL A 106 -12.77 -11.98 2.58
CA VAL A 106 -12.47 -12.86 3.71
C VAL A 106 -11.84 -12.00 4.78
N ARG A 107 -12.37 -12.07 6.00
CA ARG A 107 -11.86 -11.30 7.11
C ARG A 107 -11.23 -12.28 8.09
N ARG A 108 -9.90 -12.24 8.15
CA ARG A 108 -9.15 -13.14 9.01
C ARG A 108 -7.95 -12.42 9.61
N GLY A 109 -7.69 -12.68 10.87
CA GLY A 109 -6.55 -12.09 11.54
C GLY A 109 -6.50 -10.57 11.45
N ASP A 110 -7.64 -9.93 11.62
CA ASP A 110 -7.74 -8.46 11.62
C ASP A 110 -7.34 -7.86 10.27
N ASP A 111 -7.55 -8.63 9.19
CA ASP A 111 -7.24 -8.14 7.86
C ASP A 111 -8.34 -8.58 6.90
N LEU A 112 -8.35 -7.99 5.72
CA LEU A 112 -9.31 -8.30 4.67
C LEU A 112 -8.57 -8.83 3.46
N PHE A 113 -9.11 -9.87 2.83
CA PHE A 113 -8.46 -10.52 1.71
C PHE A 113 -9.42 -10.66 0.53
N GLY A 114 -8.88 -10.64 -0.67
CA GLY A 114 -9.63 -11.08 -1.85
C GLY A 114 -9.76 -10.00 -2.91
N ARG A 115 -10.39 -10.38 -4.01
CA ARG A 115 -10.40 -9.52 -5.18
C ARG A 115 -11.14 -8.22 -4.92
N ASN A 116 -12.10 -8.24 -4.00
CA ASN A 116 -12.85 -7.03 -3.71
C ASN A 116 -12.06 -6.00 -2.90
N VAL A 117 -11.04 -6.46 -2.19
CA VAL A 117 -10.13 -5.54 -1.55
C VAL A 117 -9.31 -4.79 -2.62
N ALA A 118 -8.82 -5.55 -3.60
CA ALA A 118 -8.06 -4.96 -4.70
C ALA A 118 -8.93 -4.01 -5.49
N MET A 119 -10.18 -4.38 -5.70
CA MET A 119 -11.09 -3.53 -6.46
CA MET A 119 -11.09 -3.54 -6.47
C MET A 119 -11.35 -2.23 -5.74
N ALA A 120 -11.57 -2.31 -4.42
CA ALA A 120 -11.74 -1.08 -3.65
C ALA A 120 -10.53 -0.16 -3.82
N ALA A 121 -9.33 -0.70 -3.76
CA ALA A 121 -8.12 0.10 -3.92
C ALA A 121 -8.04 0.72 -5.32
N ARG A 122 -8.42 -0.05 -6.33
CA ARG A 122 -8.45 0.49 -7.67
C ARG A 122 -9.44 1.64 -7.83
N VAL A 123 -10.63 1.50 -7.25
CA VAL A 123 -11.61 2.58 -7.27
C VAL A 123 -11.04 3.85 -6.61
N ALA A 124 -10.45 3.73 -5.43
CA ALA A 124 -9.85 4.92 -4.80
C ALA A 124 -8.77 5.55 -5.65
N ALA A 125 -7.97 4.73 -6.32
CA ALA A 125 -6.85 5.20 -7.12
C ALA A 125 -7.35 6.01 -8.31
N GLN A 126 -8.57 5.75 -8.75
CA GLN A 126 -9.20 6.50 -9.86
C GLN A 126 -9.81 7.83 -9.43
N ALA A 127 -10.04 7.99 -8.13
CA ALA A 127 -10.63 9.23 -7.61
C ALA A 127 -9.67 10.39 -7.69
N ALA A 128 -10.19 11.56 -8.04
CA ALA A 128 -9.42 12.80 -7.95
C ALA A 128 -9.25 13.19 -6.49
N GLY A 129 -8.20 13.95 -6.17
CA GLY A 129 -8.10 14.56 -4.86
C GLY A 129 -9.33 15.38 -4.59
N GLY A 130 -9.96 15.13 -3.45
CA GLY A 130 -11.19 15.81 -3.07
C GLY A 130 -12.45 15.08 -3.51
N GLU A 131 -12.29 13.98 -4.24
CA GLU A 131 -13.43 13.22 -4.77
C GLU A 131 -13.71 11.98 -3.95
N ILE A 132 -15.00 11.62 -3.89
CA ILE A 132 -15.45 10.32 -3.40
C ILE A 132 -16.04 9.57 -4.59
N LEU A 133 -15.37 8.49 -4.98
CA LEU A 133 -15.79 7.61 -6.06
C LEU A 133 -16.27 6.28 -5.51
N VAL A 134 -17.40 5.77 -6.02
CA VAL A 134 -17.90 4.50 -5.60
C VAL A 134 -18.16 3.59 -6.78
N SER A 135 -18.10 2.30 -6.54
CA SER A 135 -18.40 1.31 -7.56
C SER A 135 -19.90 1.20 -7.80
N GLN A 136 -20.28 0.55 -8.88
CA GLN A 136 -21.69 0.52 -9.23
C GLN A 136 -22.50 -0.25 -8.16
N PRO A 137 -21.93 -1.32 -7.58
CA PRO A 137 -22.72 -1.96 -6.53
C PRO A 137 -23.03 -1.05 -5.33
N VAL A 138 -22.12 -0.13 -5.02
CA VAL A 138 -22.38 0.83 -3.94
C VAL A 138 -23.45 1.83 -4.35
N ARG A 139 -23.37 2.37 -5.56
CA ARG A 139 -24.38 3.29 -6.04
C ARG A 139 -25.75 2.63 -6.05
N ASP A 140 -25.80 1.40 -6.51
CA ASP A 140 -27.07 0.71 -6.67
C ASP A 140 -27.67 0.42 -5.30
N ALA A 141 -26.83 0.16 -4.31
CA ALA A 141 -27.33 -0.14 -2.96
C ALA A 141 -27.85 1.09 -2.24
N LEU A 142 -27.49 2.27 -2.72
CA LEU A 142 -27.93 3.51 -2.09
C LEU A 142 -29.10 4.18 -2.79
N SER A 143 -29.72 3.48 -3.73
CA SER A 143 -30.78 4.08 -4.53
C SER A 143 -31.91 4.58 -3.63
N GLY A 147 -30.88 11.81 -0.14
CA GLY A 147 -29.86 12.01 0.88
C GLY A 147 -28.45 11.93 0.31
N ILE A 148 -28.21 10.93 -0.54
CA ILE A 148 -26.94 10.80 -1.24
C ILE A 148 -27.20 10.85 -2.75
N ARG A 149 -26.49 11.73 -3.43
CA ARG A 149 -26.66 11.96 -4.86
C ARG A 149 -25.35 11.67 -5.57
N PHE A 150 -25.44 11.07 -6.75
CA PHE A 150 -24.29 10.71 -7.56
C PHE A 150 -24.35 11.35 -8.94
N ASP A 151 -23.21 11.41 -9.62
CA ASP A 151 -23.18 11.79 -11.03
C ASP A 151 -23.62 10.60 -11.88
N ASP A 152 -23.52 10.74 -13.20
CA ASP A 152 -23.97 9.69 -14.13
C ASP A 152 -22.91 8.62 -14.34
N GLY A 153 -21.77 8.79 -13.69
CA GLY A 153 -20.72 7.79 -13.74
C GLY A 153 -19.75 7.99 -14.88
N ARG A 154 -18.61 7.32 -14.78
CA ARG A 154 -17.61 7.25 -15.82
C ARG A 154 -17.07 5.83 -15.95
N GLU A 155 -16.78 5.43 -17.16
CA GLU A 155 -16.40 4.05 -17.43
C GLU A 155 -14.90 3.93 -17.64
N VAL A 156 -14.25 3.08 -16.84
CA VAL A 156 -12.79 2.99 -16.88
C VAL A 156 -12.30 1.56 -16.82
N GLU A 157 -11.07 1.35 -17.25
CA GLU A 157 -10.37 0.09 -17.01
C GLU A 157 -9.62 0.14 -15.68
N LEU A 158 -9.67 -0.97 -14.94
CA LEU A 158 -8.97 -1.10 -13.67
C LEU A 158 -7.91 -2.19 -13.82
N LYS A 159 -6.69 -1.88 -13.40
CA LYS A 159 -5.58 -2.80 -13.60
C LYS A 159 -5.83 -4.11 -12.88
N GLY A 160 -5.64 -5.21 -13.61
CA GLY A 160 -5.80 -6.53 -13.03
C GLY A 160 -7.17 -7.14 -13.26
N PHE A 161 -8.12 -6.32 -13.68
CA PHE A 161 -9.50 -6.78 -13.94
C PHE A 161 -9.86 -6.68 -15.41
N SER A 162 -10.57 -7.67 -15.94
CA SER A 162 -10.91 -7.61 -17.37
C SER A 162 -12.13 -6.74 -17.59
N GLY A 163 -12.18 -6.07 -18.74
CA GLY A 163 -13.30 -5.21 -19.09
C GLY A 163 -13.24 -3.83 -18.43
N THR A 164 -14.38 -3.14 -18.43
CA THR A 164 -14.50 -1.82 -17.81
C THR A 164 -15.48 -1.84 -16.63
N TYR A 165 -15.41 -0.76 -15.87
CA TYR A 165 -16.22 -0.55 -14.67
C TYR A 165 -16.76 0.88 -14.65
N ARG A 166 -18.03 1.05 -14.30
CA ARG A 166 -18.63 2.37 -14.13
C ARG A 166 -18.43 2.80 -12.69
N LEU A 167 -17.77 3.94 -12.52
CA LEU A 167 -17.54 4.52 -11.20
C LEU A 167 -18.30 5.83 -11.09
N PHE A 168 -18.87 6.06 -9.90
CA PHE A 168 -19.77 7.17 -9.66
C PHE A 168 -19.25 8.09 -8.57
N ALA A 169 -19.18 9.39 -8.85
CA ALA A 169 -18.76 10.35 -7.85
C ALA A 169 -19.94 10.79 -6.99
N VAL A 170 -19.72 10.95 -5.70
CA VAL A 170 -20.70 11.55 -4.81
C VAL A 170 -20.77 13.05 -5.03
N LEU A 171 -21.97 13.58 -5.25
CA LEU A 171 -22.12 15.00 -5.54
C LEU A 171 -22.42 15.83 -4.29
N ALA B 4 19.85 14.70 14.89
CA ALA B 4 19.15 14.42 13.64
C ALA B 4 17.81 13.73 13.88
N MET B 5 16.82 14.06 13.07
CA MET B 5 15.48 13.51 13.22
C MET B 5 15.40 12.08 12.69
N GLY B 6 14.96 11.16 13.53
CA GLY B 6 14.78 9.79 13.11
C GLY B 6 16.01 8.93 13.30
N SER B 7 15.80 7.64 13.12
CA SER B 7 16.83 6.63 13.31
C SER B 7 17.15 5.94 12.01
N ARG B 8 18.42 5.59 11.86
CA ARG B 8 18.86 4.83 10.69
C ARG B 8 18.20 3.45 10.64
N VAL B 9 17.61 3.16 9.50
CA VAL B 9 16.99 1.88 9.29
C VAL B 9 17.13 1.55 7.81
N VAL B 10 17.20 0.26 7.54
CA VAL B 10 17.25 -0.28 6.19
C VAL B 10 15.87 -0.80 5.91
N ILE B 11 15.26 -0.31 4.84
CA ILE B 11 13.88 -0.62 4.56
C ILE B 11 13.80 -1.41 3.28
N LEU B 12 13.13 -2.55 3.38
CA LEU B 12 12.88 -3.42 2.23
C LEU B 12 11.40 -3.44 1.94
N PHE B 13 11.05 -3.17 0.69
CA PHE B 13 9.68 -3.33 0.20
C PHE B 13 9.64 -4.47 -0.79
N THR B 14 8.59 -5.26 -0.73
CA THR B 14 8.42 -6.28 -1.75
C THR B 14 6.97 -6.38 -2.09
N ASP B 15 6.69 -6.68 -3.36
CA ASP B 15 5.33 -6.99 -3.75
C ASP B 15 5.30 -7.88 -4.96
N ILE B 16 4.16 -8.56 -5.16
CA ILE B 16 4.03 -9.59 -6.17
C ILE B 16 3.67 -8.95 -7.49
N GLU B 17 4.31 -9.38 -8.57
CA GLU B 17 4.00 -8.88 -9.90
C GLU B 17 2.61 -9.35 -10.36
N GLU B 18 1.79 -8.42 -10.84
N GLU B 18 1.78 -8.41 -10.82
CA GLU B 18 0.45 -8.69 -11.36
CA GLU B 18 0.46 -8.71 -11.37
C GLU B 18 -0.36 -9.58 -10.42
C GLU B 18 -0.36 -9.58 -10.43
N SER B 19 -0.39 -9.21 -9.14
CA SER B 19 -1.09 -10.02 -8.15
C SER B 19 -2.62 -9.99 -8.35
N THR B 20 -3.16 -8.89 -8.86
CA THR B 20 -4.61 -8.77 -8.96
C THR B 20 -5.11 -9.75 -10.03
N ALA B 21 -4.39 -9.79 -11.14
CA ALA B 21 -4.71 -10.69 -12.23
C ALA B 21 -4.61 -12.14 -11.75
N LEU B 22 -3.60 -12.42 -10.94
CA LEU B 22 -3.42 -13.72 -10.35
C LEU B 22 -4.61 -14.10 -9.47
N ASN B 23 -4.98 -13.21 -8.55
CA ASN B 23 -6.17 -13.41 -7.71
C ASN B 23 -7.40 -13.71 -8.56
N GLU B 24 -7.61 -12.92 -9.61
CA GLU B 24 -8.78 -13.09 -10.47
C GLU B 24 -8.76 -14.42 -11.18
N ARG B 25 -7.57 -14.87 -11.51
CA ARG B 25 -7.39 -16.15 -12.20
C ARG B 25 -7.80 -17.30 -11.28
N ILE B 26 -7.18 -17.34 -10.10
CA ILE B 26 -7.26 -18.52 -9.24
C ILE B 26 -8.42 -18.48 -8.25
N GLY B 27 -9.03 -17.32 -8.08
CA GLY B 27 -10.19 -17.15 -7.22
C GLY B 27 -9.77 -16.89 -5.79
N ASP B 28 -10.67 -16.34 -4.98
CA ASP B 28 -10.35 -15.93 -3.62
C ASP B 28 -9.94 -17.08 -2.67
N ARG B 29 -10.57 -18.25 -2.79
CA ARG B 29 -10.18 -19.38 -1.94
C ARG B 29 -8.69 -19.69 -2.11
N ALA B 30 -8.26 -19.86 -3.35
CA ALA B 30 -6.88 -20.18 -3.65
C ALA B 30 -5.94 -19.03 -3.28
N TRP B 31 -6.40 -17.81 -3.51
CA TRP B 31 -5.60 -16.63 -3.23
C TRP B 31 -5.34 -16.48 -1.75
N VAL B 32 -6.35 -16.68 -0.90
CA VAL B 32 -6.13 -16.56 0.54
C VAL B 32 -5.08 -17.58 1.03
N LYS B 33 -5.12 -18.80 0.50
CA LYS B 33 -4.11 -19.80 0.81
C LYS B 33 -2.73 -19.35 0.30
N LEU B 34 -2.70 -18.83 -0.92
CA LEU B 34 -1.43 -18.43 -1.55
C LEU B 34 -0.77 -17.30 -0.77
N ILE B 35 -1.54 -16.26 -0.46
CA ILE B 35 -0.99 -15.11 0.18
C ILE B 35 -0.66 -15.41 1.64
N SER B 36 -1.39 -16.33 2.28
CA SER B 36 -1.05 -16.77 3.63
CA SER B 36 -1.04 -16.75 3.64
C SER B 36 0.30 -17.50 3.65
N SER B 37 0.51 -18.38 2.68
N SER B 37 0.49 -18.38 2.67
N SER B 37 0.50 -18.39 2.68
CA SER B 37 1.76 -19.14 2.60
CA SER B 37 1.72 -19.15 2.56
CA SER B 37 1.75 -19.14 2.58
C SER B 37 2.92 -18.20 2.28
C SER B 37 2.90 -18.21 2.27
C SER B 37 2.91 -18.19 2.30
N HIS B 38 2.66 -17.23 1.42
CA HIS B 38 3.68 -16.24 1.05
C HIS B 38 4.09 -15.39 2.26
N ASP B 39 3.08 -14.95 3.01
CA ASP B 39 3.30 -14.16 4.21
C ASP B 39 4.18 -14.93 5.19
N LYS B 40 3.89 -16.20 5.36
CA LYS B 40 4.67 -17.05 6.27
C LYS B 40 6.09 -17.21 5.74
N LEU B 41 6.22 -17.39 4.44
CA LEU B 41 7.55 -17.47 3.84
C LEU B 41 8.36 -16.20 4.10
N VAL B 42 7.78 -15.05 3.75
CA VAL B 42 8.46 -13.77 3.94
C VAL B 42 8.81 -13.58 5.41
N SER B 43 7.81 -13.76 6.28
CA SER B 43 8.00 -13.60 7.72
C SER B 43 9.16 -14.43 8.24
N ASP B 44 9.22 -15.70 7.85
CA ASP B 44 10.27 -16.59 8.32
C ASP B 44 11.65 -16.13 7.84
N LEU B 45 11.77 -15.77 6.57
CA LEU B 45 13.06 -15.37 6.02
C LEU B 45 13.54 -14.06 6.62
N VAL B 46 12.60 -13.17 6.91
CA VAL B 46 12.92 -11.91 7.57
C VAL B 46 13.48 -12.15 8.97
N ARG B 47 12.78 -12.98 9.73
CA ARG B 47 13.21 -13.35 11.09
C ARG B 47 14.61 -13.96 11.08
N ARG B 48 14.92 -14.72 10.04
CA ARG B 48 16.25 -15.35 9.94
C ARG B 48 17.38 -14.33 9.83
N GLN B 49 17.08 -13.16 9.27
CA GLN B 49 18.07 -12.10 9.12
C GLN B 49 17.85 -11.00 10.16
N SER B 50 17.17 -11.33 11.25
CA SER B 50 16.93 -10.42 12.36
C SER B 50 16.17 -9.14 11.98
N GLY B 51 15.31 -9.26 10.98
CA GLY B 51 14.48 -8.17 10.52
C GLY B 51 13.14 -8.20 11.21
N HIS B 52 12.27 -7.24 10.87
CA HIS B 52 10.90 -7.31 11.31
C HIS B 52 9.99 -6.72 10.23
N VAL B 53 8.87 -7.41 10.02
CA VAL B 53 7.85 -6.92 9.12
C VAL B 53 7.10 -5.82 9.82
N VAL B 54 7.19 -4.64 9.24
CA VAL B 54 6.58 -3.45 9.80
C VAL B 54 5.13 -3.36 9.40
N LYS B 55 4.88 -3.47 8.10
CA LYS B 55 3.52 -3.34 7.58
C LYS B 55 3.37 -4.35 6.46
N SER B 56 2.15 -4.83 6.28
CA SER B 56 1.85 -5.57 5.07
C SER B 56 0.39 -5.38 4.76
N GLN B 57 0.10 -5.35 3.47
CA GLN B 57 -1.27 -5.23 3.03
C GLN B 57 -1.36 -5.82 1.64
N GLY B 58 -2.27 -6.76 1.46
CA GLY B 58 -2.42 -7.41 0.17
C GLY B 58 -1.18 -8.17 -0.22
N ASP B 59 -0.57 -7.76 -1.31
CA ASP B 59 0.55 -8.50 -1.85
C ASP B 59 1.87 -7.85 -1.52
N GLY B 60 1.83 -6.84 -0.64
CA GLY B 60 3.01 -6.03 -0.36
C GLY B 60 3.44 -6.11 1.08
N PHE B 61 4.73 -5.96 1.29
CA PHE B 61 5.34 -5.98 2.63
C PHE B 61 6.33 -4.85 2.73
N MET B 62 6.40 -4.24 3.91
CA MET B 62 7.46 -3.30 4.29
C MET B 62 8.22 -3.91 5.46
N VAL B 63 9.53 -4.04 5.31
CA VAL B 63 10.37 -4.75 6.28
C VAL B 63 11.52 -3.85 6.71
N ALA B 64 11.86 -3.93 7.99
CA ALA B 64 12.95 -3.12 8.54
C ALA B 64 14.09 -4.01 8.98
N PHE B 65 15.31 -3.58 8.66
CA PHE B 65 16.54 -4.21 9.15
C PHE B 65 17.49 -3.18 9.75
N ALA B 66 18.34 -3.62 10.67
CA ALA B 66 19.37 -2.75 11.24
C ALA B 66 20.52 -2.55 10.27
N ARG B 67 20.86 -3.58 9.51
CA ARG B 67 22.04 -3.56 8.65
C ARG B 67 21.71 -3.92 7.20
N PRO B 68 22.32 -3.21 6.23
CA PRO B 68 21.94 -3.45 4.84
C PRO B 68 22.25 -4.88 4.38
N GLU B 69 23.30 -5.52 4.91
CA GLU B 69 23.64 -6.86 4.45
C GLU B 69 22.54 -7.86 4.81
N GLN B 70 21.84 -7.59 5.91
CA GLN B 70 20.74 -8.45 6.34
C GLN B 70 19.58 -8.35 5.34
N ALA B 71 19.28 -7.12 4.94
CA ALA B 71 18.20 -6.88 4.00
C ALA B 71 18.51 -7.53 2.67
N VAL B 72 19.75 -7.40 2.22
CA VAL B 72 20.10 -7.98 0.93
C VAL B 72 20.07 -9.51 1.03
N ARG B 73 20.65 -10.05 2.09
CA ARG B 73 20.64 -11.50 2.28
C ARG B 73 19.20 -12.02 2.28
N CYS B 74 18.30 -11.27 2.92
CA CYS B 74 16.90 -11.70 3.00
C CYS B 74 16.26 -11.74 1.61
N GLY B 75 16.47 -10.69 0.82
CA GLY B 75 15.97 -10.65 -0.55
C GLY B 75 16.47 -11.80 -1.40
N ILE B 76 17.76 -12.11 -1.27
CA ILE B 76 18.35 -13.16 -2.08
C ILE B 76 17.69 -14.48 -1.74
N GLU B 77 17.49 -14.72 -0.45
CA GLU B 77 16.90 -15.98 0.00
C GLU B 77 15.45 -16.09 -0.43
N LEU B 78 14.74 -14.97 -0.40
CA LEU B 78 13.35 -14.95 -0.83
C LEU B 78 13.23 -15.27 -2.31
N GLN B 79 14.06 -14.62 -3.14
CA GLN B 79 14.02 -14.89 -4.58
C GLN B 79 14.37 -16.35 -4.87
N ARG B 80 15.36 -16.90 -4.15
CA ARG B 80 15.74 -18.30 -4.33
C ARG B 80 14.60 -19.22 -3.94
N ALA B 81 13.92 -18.87 -2.84
CA ALA B 81 12.83 -19.69 -2.32
C ALA B 81 11.67 -19.68 -3.29
N LEU B 82 11.42 -18.53 -3.91
CA LEU B 82 10.31 -18.41 -4.82
C LEU B 82 10.59 -19.19 -6.11
N ARG B 83 11.84 -19.21 -6.54
CA ARG B 83 12.24 -20.01 -7.70
C ARG B 83 12.07 -21.51 -7.41
N ARG B 84 12.49 -21.95 -6.23
CA ARG B 84 12.30 -23.35 -5.84
C ARG B 84 10.81 -23.72 -5.88
N ASN B 85 9.96 -22.87 -5.32
CA ASN B 85 8.52 -23.11 -5.30
C ASN B 85 7.94 -23.25 -6.70
N ALA B 86 8.35 -22.35 -7.60
CA ALA B 86 7.90 -22.37 -8.99
C ALA B 86 8.16 -23.71 -9.69
N ASN B 87 9.12 -24.48 -9.17
CA ASN B 87 9.46 -25.78 -9.74
C ASN B 87 8.77 -26.91 -9.00
N GLU B 93 5.23 -18.99 -11.07
CA GLU B 93 3.86 -18.79 -10.61
C GLU B 93 3.76 -17.47 -9.85
N ILE B 94 4.70 -17.27 -8.92
CA ILE B 94 4.79 -16.03 -8.15
C ILE B 94 6.15 -15.41 -8.32
N ARG B 95 6.18 -14.22 -8.91
CA ARG B 95 7.38 -13.40 -8.96
C ARG B 95 7.17 -12.15 -8.11
N VAL B 96 8.21 -11.76 -7.38
CA VAL B 96 8.11 -10.57 -6.57
C VAL B 96 9.20 -9.59 -6.94
N ARG B 97 8.89 -8.31 -6.82
CA ARG B 97 9.90 -7.29 -6.95
C ARG B 97 10.34 -6.93 -5.53
N ILE B 98 11.63 -6.62 -5.39
CA ILE B 98 12.21 -6.25 -4.11
C ILE B 98 13.04 -4.99 -4.27
N GLY B 99 12.79 -4.03 -3.39
CA GLY B 99 13.62 -2.83 -3.31
C GLY B 99 14.17 -2.57 -1.93
N ILE B 100 15.42 -2.12 -1.86
CA ILE B 100 16.04 -1.79 -0.58
C ILE B 100 16.68 -0.40 -0.56
N HIS B 101 16.42 0.36 0.50
CA HIS B 101 17.01 1.69 0.69
C HIS B 101 17.29 1.88 2.19
N MET B 102 18.20 2.77 2.52
CA MET B 102 18.53 3.02 3.92
C MET B 102 18.68 4.50 4.13
N GLY B 103 18.43 4.91 5.36
CA GLY B 103 18.48 6.31 5.75
C GLY B 103 17.66 6.50 7.01
N ARG B 104 17.61 7.72 7.52
CA ARG B 104 16.84 7.98 8.73
C ARG B 104 15.36 8.08 8.43
N SER B 105 14.57 7.48 9.30
CA SER B 105 13.13 7.64 9.22
C SER B 105 12.59 7.62 10.62
N VAL B 106 11.36 8.09 10.75
CA VAL B 106 10.75 8.29 12.05
C VAL B 106 9.77 7.17 12.33
N ARG B 107 9.99 6.48 13.43
CA ARG B 107 9.07 5.49 13.93
C ARG B 107 7.91 6.20 14.60
N ARG B 108 6.69 5.82 14.25
CA ARG B 108 5.51 6.32 14.93
C ARG B 108 4.48 5.24 14.85
N GLY B 109 4.14 4.79 16.02
CA GLY B 109 3.41 3.60 16.18
C GLY B 109 4.20 2.40 15.80
N ASP B 110 3.61 1.62 14.92
CA ASP B 110 4.39 0.51 14.42
C ASP B 110 4.56 0.71 12.92
N ASP B 111 4.74 1.98 12.56
CA ASP B 111 4.92 2.37 11.17
C ASP B 111 6.19 3.20 11.10
N LEU B 112 6.66 3.44 9.89
CA LEU B 112 7.81 4.29 9.65
C LEU B 112 7.42 5.39 8.66
N PHE B 113 7.87 6.61 8.95
CA PHE B 113 7.47 7.77 8.16
C PHE B 113 8.68 8.57 7.74
N GLY B 114 8.56 9.19 6.57
CA GLY B 114 9.56 10.11 6.11
C GLY B 114 9.96 9.82 4.71
N ARG B 115 10.73 10.73 4.12
CA ARG B 115 11.05 10.65 2.71
C ARG B 115 11.81 9.38 2.37
N ASN B 116 12.60 8.86 3.30
CA ASN B 116 13.34 7.64 3.00
C ASN B 116 12.46 6.39 3.00
N VAL B 117 11.28 6.47 3.60
CA VAL B 117 10.31 5.38 3.51
C VAL B 117 9.71 5.38 2.10
N ALA B 118 9.31 6.56 1.66
CA ALA B 118 8.75 6.71 0.32
C ALA B 118 9.78 6.31 -0.72
N MET B 119 11.04 6.64 -0.49
CA MET B 119 12.08 6.35 -1.47
C MET B 119 12.25 4.85 -1.58
N ALA B 120 12.25 4.16 -0.46
CA ALA B 120 12.39 2.72 -0.49
C ALA B 120 11.26 2.08 -1.31
N ALA B 121 10.06 2.63 -1.17
CA ALA B 121 8.94 2.08 -1.89
C ALA B 121 9.12 2.27 -3.38
N ARG B 122 9.71 3.39 -3.80
CA ARG B 122 9.92 3.64 -5.23
C ARG B 122 11.05 2.78 -5.80
N VAL B 123 12.09 2.53 -5.01
CA VAL B 123 13.16 1.64 -5.44
C VAL B 123 12.55 0.27 -5.74
N ALA B 124 11.64 -0.18 -4.90
CA ALA B 124 10.96 -1.44 -5.13
C ALA B 124 10.08 -1.43 -6.38
N ALA B 125 9.38 -0.32 -6.59
CA ALA B 125 8.45 -0.20 -7.71
C ALA B 125 9.19 -0.21 -9.05
N GLN B 126 10.46 0.18 -9.01
CA GLN B 126 11.32 0.17 -10.20
C GLN B 126 11.79 -1.23 -10.55
N ALA B 127 11.76 -2.13 -9.57
CA ALA B 127 12.30 -3.47 -9.79
C ALA B 127 11.35 -4.33 -10.61
N ALA B 128 11.93 -5.11 -11.52
CA ALA B 128 11.16 -6.09 -12.27
C ALA B 128 10.83 -7.26 -11.37
N GLY B 129 9.82 -8.04 -11.74
CA GLY B 129 9.59 -9.31 -11.06
C GLY B 129 10.84 -10.16 -11.13
N GLY B 130 11.21 -10.75 -10.01
CA GLY B 130 12.40 -11.57 -9.92
C GLY B 130 13.69 -10.83 -9.57
N GLU B 131 13.61 -9.51 -9.42
CA GLU B 131 14.78 -8.65 -9.27
C GLU B 131 14.84 -8.01 -7.90
N ILE B 132 16.06 -7.77 -7.42
CA ILE B 132 16.31 -7.01 -6.22
C ILE B 132 17.06 -5.74 -6.58
N LEU B 133 16.46 -4.57 -6.39
CA LEU B 133 17.17 -3.29 -6.60
C LEU B 133 17.48 -2.64 -5.28
N VAL B 134 18.65 -1.99 -5.20
CA VAL B 134 19.03 -1.21 -4.04
C VAL B 134 19.43 0.20 -4.45
N SER B 135 19.24 1.14 -3.53
CA SER B 135 19.69 2.50 -3.75
C SER B 135 21.20 2.62 -3.67
N GLN B 136 21.71 3.74 -4.15
CA GLN B 136 23.15 3.97 -4.15
C GLN B 136 23.73 3.94 -2.73
N PRO B 137 23.02 4.55 -1.76
CA PRO B 137 23.56 4.44 -0.40
C PRO B 137 23.74 3.00 0.08
N VAL B 138 22.81 2.10 -0.28
CA VAL B 138 22.95 0.70 0.07
C VAL B 138 24.11 0.05 -0.65
N ARG B 139 24.25 0.37 -1.93
CA ARG B 139 25.32 -0.22 -2.72
C ARG B 139 26.65 0.25 -2.17
N ASP B 140 26.74 1.55 -1.92
CA ASP B 140 27.98 2.12 -1.41
C ASP B 140 28.34 1.58 -0.02
N ALA B 141 27.32 1.31 0.80
CA ALA B 141 27.54 0.80 2.14
C ALA B 141 28.06 -0.64 2.11
N LEU B 142 27.75 -1.34 1.00
CA LEU B 142 28.13 -2.74 0.83
C LEU B 142 29.25 -2.93 -0.21
N SER B 143 30.02 -1.89 -0.50
CA SER B 143 31.01 -1.93 -1.58
C SER B 143 32.23 -2.81 -1.26
N ARG B 144 32.42 -3.12 0.01
CA ARG B 144 33.46 -4.08 0.41
C ARG B 144 32.86 -5.47 0.57
N ILE B 148 28.46 -10.18 -1.79
CA ILE B 148 27.36 -9.48 -2.45
C ILE B 148 27.88 -8.71 -3.65
N ARG B 149 27.25 -8.92 -4.80
CA ARG B 149 27.67 -8.28 -6.03
C ARG B 149 26.52 -7.54 -6.69
N PHE B 150 26.86 -6.41 -7.29
CA PHE B 150 25.88 -5.54 -7.92
C PHE B 150 26.22 -5.33 -9.38
N ASP B 151 25.22 -5.04 -10.20
CA ASP B 151 25.49 -4.59 -11.56
C ASP B 151 26.07 -3.17 -11.45
N ASP B 152 26.23 -2.49 -12.58
CA ASP B 152 26.81 -1.15 -12.56
C ASP B 152 25.74 -0.08 -12.44
N GLY B 153 24.50 -0.51 -12.27
CA GLY B 153 23.41 0.39 -11.99
C GLY B 153 22.75 0.97 -13.24
N ARG B 154 21.55 1.50 -13.04
CA ARG B 154 20.89 2.29 -14.07
C ARG B 154 20.27 3.55 -13.47
N GLU B 155 20.19 4.58 -14.29
CA GLU B 155 19.72 5.89 -13.84
C GLU B 155 18.24 6.01 -14.06
N VAL B 156 17.53 6.41 -13.00
CA VAL B 156 16.10 6.58 -13.04
C VAL B 156 15.68 7.89 -12.39
N GLU B 157 14.43 8.27 -12.59
CA GLU B 157 13.81 9.30 -11.78
C GLU B 157 12.66 8.68 -11.00
N LEU B 158 12.56 9.02 -9.72
CA LEU B 158 11.58 8.41 -8.82
C LEU B 158 10.42 9.35 -8.57
N LYS B 159 9.22 8.81 -8.69
CA LYS B 159 8.00 9.56 -8.42
C LYS B 159 8.08 10.33 -7.11
N GLY B 160 7.80 11.62 -7.17
CA GLY B 160 7.76 12.46 -5.97
C GLY B 160 9.10 13.07 -5.58
N PHE B 161 10.15 12.70 -6.31
CA PHE B 161 11.50 13.20 -6.03
C PHE B 161 12.11 13.87 -7.27
N SER B 162 12.84 14.94 -6.99
CA SER B 162 13.57 15.66 -8.02
C SER B 162 14.92 14.99 -8.23
N GLY B 163 15.42 15.11 -9.45
CA GLY B 163 16.74 14.60 -9.77
C GLY B 163 16.75 13.16 -10.20
N THR B 164 17.96 12.64 -10.36
CA THR B 164 18.20 11.32 -10.87
C THR B 164 18.82 10.45 -9.79
N TYR B 165 18.45 9.18 -9.82
CA TYR B 165 18.92 8.20 -8.85
C TYR B 165 19.43 6.97 -9.59
N ARG B 166 20.52 6.42 -9.09
CA ARG B 166 21.10 5.23 -9.66
C ARG B 166 20.69 4.05 -8.80
N LEU B 167 20.03 3.08 -9.42
CA LEU B 167 19.63 1.88 -8.74
C LEU B 167 20.42 0.67 -9.23
N PHE B 168 20.83 -0.17 -8.29
CA PHE B 168 21.68 -1.32 -8.58
C PHE B 168 20.98 -2.65 -8.34
N ALA B 169 21.05 -3.52 -9.34
CA ALA B 169 20.51 -4.88 -9.23
C ALA B 169 21.50 -5.77 -8.48
N VAL B 170 20.97 -6.60 -7.59
CA VAL B 170 21.79 -7.60 -6.90
C VAL B 170 22.01 -8.80 -7.80
N LEU B 171 23.26 -9.25 -7.84
CA LEU B 171 23.61 -10.41 -8.64
C LEU B 171 23.98 -11.54 -7.68
#